data_4M1G
#
_entry.id   4M1G
#
_cell.length_a   95.019
_cell.length_b   95.019
_cell.length_c   127.332
_cell.angle_alpha   90.00
_cell.angle_beta   90.00
_cell.angle_gamma   120.00
#
_symmetry.space_group_name_H-M   'P 32 2 1'
#
loop_
_entity.id
_entity.type
_entity.pdbx_description
1 polymer 'Murine IgG2a A27D7 Light chain Fab domain'
2 polymer 'Murine IgG2a A27D7 Heavy chain Fab domain'
3 polymer A33R
4 non-polymer 'SULFATE ION'
5 water water
#
loop_
_entity_poly.entity_id
_entity_poly.type
_entity_poly.pdbx_seq_one_letter_code
_entity_poly.pdbx_strand_id
1 'polypeptide(L)'
;ELVLTQSPTTMAASPGEKITITCSASSSISSNYLHWYQQKPGFSPKLLIYRTSNLASGVPARFSGSGSGTSYSLTIGTME
AEDVATYYCQQGSSIPFTFGSGTKLEIKRADAAPTVSIFPPSSEQLTSGGASVVCFLNNFYPKDINVKWKIDGSERQNGV
LNSWTDQDSKDSTYSMSSTLTLTKDEYERHNSYTCEATHKTSTSPIVKSFNRNEC
;
L
2 'polypeptide(L)'
;QVQLKESGPGLVAPSQSLSITCTVSGFSLTDYGVSWIRQPPGKGLEWLGVTWGGGTTYYNSALKSRLSISKDNSKSQVFL
KMNSLQTDDTAMYYCAKHKASYNGLDYWGQGTTLTVSSAKTTAPSVYPLAPVCGDTTGSSVTLGCLVKGYFPEPVTLTWN
SGSLSSGVHTFPAVLQSDLYTLSSSVTVTSSTWPSQSITCNVAHPASSTKVDKKIEPRGP
;
H
3 'polypeptide(L)'
;MSTTQYDHKESCNGLYYQGSCYILHSDYQMFSDAAANCTAESSTLPNKSDVMITWLIDYVEDTWGSDGNPITKTTSDYQD
SDVSQEVRKYFCVKTMN
;
A,B
#
# COMPACT_ATOMS: atom_id res chain seq x y z
N GLU A 1 -21.05 8.49 -0.88
CA GLU A 1 -19.97 7.60 -1.42
C GLU A 1 -20.34 6.14 -1.24
N LEU A 2 -19.67 5.28 -2.01
CA LEU A 2 -19.84 3.86 -1.84
C LEU A 2 -18.94 3.37 -0.69
N VAL A 3 -19.54 3.21 0.47
CA VAL A 3 -18.85 2.81 1.69
C VAL A 3 -18.64 1.30 1.67
N LEU A 4 -17.38 0.88 1.85
CA LEU A 4 -17.05 -0.54 1.87
C LEU A 4 -16.71 -0.96 3.29
N THR A 5 -17.56 -1.82 3.86
CA THR A 5 -17.41 -2.29 5.23
C THR A 5 -16.80 -3.68 5.23
N GLN A 6 -15.65 -3.81 5.89
CA GLN A 6 -14.95 -5.10 5.96
C GLN A 6 -15.18 -5.82 7.28
N SER A 7 -15.35 -7.13 7.19
CA SER A 7 -15.52 -8.00 8.36
C SER A 7 -14.64 -9.25 8.26
N PRO A 8 -14.06 -9.68 9.39
CA PRO A 8 -14.06 -8.97 10.67
C PRO A 8 -12.99 -7.88 10.69
N THR A 9 -12.93 -7.07 11.74
CA THR A 9 -11.90 -6.03 11.85
C THR A 9 -10.52 -6.66 12.08
N THR A 10 -10.49 -7.68 12.94
CA THR A 10 -9.30 -8.47 13.19
C THR A 10 -9.69 -9.94 13.23
N MET A 11 -8.85 -10.78 12.62
CA MET A 11 -9.10 -12.22 12.55
C MET A 11 -7.87 -13.01 12.95
N ALA A 12 -8.04 -13.94 13.89
CA ALA A 12 -7.00 -14.90 14.23
C ALA A 12 -7.28 -16.20 13.48
N ALA A 13 -6.45 -16.50 12.49
CA ALA A 13 -6.64 -17.66 11.63
C ALA A 13 -5.75 -18.81 12.06
N SER A 14 -6.31 -20.02 12.05
CA SER A 14 -5.55 -21.22 12.36
C SER A 14 -4.56 -21.51 11.23
N PRO A 15 -3.33 -21.93 11.58
CA PRO A 15 -2.31 -22.21 10.58
C PRO A 15 -2.71 -23.35 9.62
N GLY A 16 -2.51 -23.13 8.33
CA GLY A 16 -2.79 -24.13 7.31
C GLY A 16 -4.26 -24.32 7.01
N GLU A 17 -5.12 -23.51 7.62
CA GLU A 17 -6.56 -23.65 7.44
C GLU A 17 -7.16 -22.54 6.57
N LYS A 18 -8.28 -22.85 5.92
CA LYS A 18 -8.95 -21.90 5.04
C LYS A 18 -9.54 -20.75 5.83
N ILE A 19 -9.35 -19.53 5.34
CA ILE A 19 -9.86 -18.34 6.01
C ILE A 19 -10.41 -17.37 4.96
N THR A 20 -11.56 -16.75 5.29
CA THR A 20 -12.23 -15.83 4.38
C THR A 20 -12.56 -14.54 5.09
N ILE A 21 -12.33 -13.43 4.39
CA ILE A 21 -12.68 -12.10 4.88
C ILE A 21 -13.65 -11.46 3.89
N THR A 22 -14.52 -10.58 4.36
CA THR A 22 -15.61 -10.06 3.53
C THR A 22 -15.58 -8.55 3.35
N CYS A 23 -16.17 -8.09 2.24
CA CYS A 23 -16.26 -6.68 1.91
C CYS A 23 -17.70 -6.41 1.47
N SER A 24 -18.43 -5.60 2.26
CA SER A 24 -19.81 -5.24 1.97
C SER A 24 -19.94 -3.79 1.52
N ALA A 25 -20.49 -3.59 0.33
CA ALA A 25 -20.63 -2.27 -0.27
C ALA A 25 -22.03 -1.70 -0.04
N SER A 26 -22.12 -0.39 0.17
CA SER A 26 -23.42 0.28 0.34
C SER A 26 -24.18 0.39 -0.99
N SER A 27 -23.46 0.33 -2.10
CA SER A 27 -24.07 0.32 -3.44
C SER A 27 -23.47 -0.78 -4.30
N SER A 28 -24.29 -1.35 -5.19
CA SER A 28 -23.86 -2.43 -6.07
C SER A 28 -22.73 -2.02 -7.02
N ILE A 29 -21.75 -2.90 -7.18
CA ILE A 29 -20.60 -2.68 -8.05
C ILE A 29 -20.51 -3.84 -9.03
N SER A 30 -20.18 -3.56 -10.29
CA SER A 30 -19.76 -4.60 -11.22
C SER A 30 -18.47 -5.21 -10.69
N SER A 31 -18.33 -6.52 -10.82
CA SER A 31 -17.20 -7.25 -10.22
C SER A 31 -15.84 -6.83 -10.78
N ASN A 32 -15.83 -6.26 -11.99
CA ASN A 32 -14.59 -5.78 -12.59
C ASN A 32 -13.94 -4.62 -11.83
N TYR A 33 -14.74 -3.91 -11.02
CA TYR A 33 -14.26 -2.70 -10.33
C TYR A 33 -13.95 -2.92 -8.86
N LEU A 34 -13.91 -4.17 -8.42
CA LEU A 34 -13.60 -4.47 -7.02
C LEU A 34 -12.25 -5.16 -6.93
N HIS A 35 -11.34 -4.57 -6.15
CA HIS A 35 -9.96 -5.06 -6.05
C HIS A 35 -9.55 -5.22 -4.59
N TRP A 36 -8.49 -6.01 -4.35
CA TRP A 36 -7.97 -6.20 -3.00
C TRP A 36 -6.49 -5.84 -2.91
N TYR A 37 -6.12 -5.25 -1.78
CA TYR A 37 -4.73 -4.91 -1.46
C TYR A 37 -4.28 -5.55 -0.18
N GLN A 38 -3.00 -5.86 -0.11
CA GLN A 38 -2.35 -6.33 1.10
C GLN A 38 -1.36 -5.28 1.56
N GLN A 39 -1.36 -4.99 2.86
CA GLN A 39 -0.39 -4.05 3.42
C GLN A 39 0.24 -4.61 4.68
N LYS A 40 1.57 -4.61 4.71
CA LYS A 40 2.32 -5.00 5.91
C LYS A 40 2.91 -3.75 6.56
N PRO A 41 3.01 -3.74 7.91
CA PRO A 41 3.50 -2.53 8.58
C PRO A 41 4.86 -2.05 8.06
N GLY A 42 4.92 -0.77 7.70
CA GLY A 42 6.15 -0.16 7.20
C GLY A 42 6.28 -0.17 5.68
N PHE A 43 5.29 -0.71 5.00
CA PHE A 43 5.32 -0.84 3.55
C PHE A 43 4.06 -0.26 2.91
N SER A 44 4.16 0.06 1.62
CA SER A 44 3.03 0.54 0.84
C SER A 44 2.07 -0.62 0.58
N PRO A 45 0.78 -0.31 0.35
CA PRO A 45 -0.12 -1.38 -0.08
C PRO A 45 0.33 -2.00 -1.40
N LYS A 46 0.03 -3.27 -1.59
CA LYS A 46 0.29 -3.90 -2.87
C LYS A 46 -0.97 -4.53 -3.42
N LEU A 47 -1.17 -4.37 -4.72
CA LEU A 47 -2.30 -4.97 -5.41
C LEU A 47 -2.19 -6.48 -5.30
N LEU A 48 -3.27 -7.10 -4.81
CA LEU A 48 -3.28 -8.51 -4.53
C LEU A 48 -4.22 -9.25 -5.48
N ILE A 49 -5.44 -8.73 -5.60
CA ILE A 49 -6.47 -9.32 -6.47
C ILE A 49 -7.12 -8.19 -7.29
N TYR A 50 -7.27 -8.44 -8.58
CA TYR A 50 -7.77 -7.48 -9.54
C TYR A 50 -9.05 -8.01 -10.15
N ARG A 51 -10.04 -7.14 -10.31
CA ARG A 51 -11.35 -7.52 -10.87
C ARG A 51 -11.91 -8.74 -10.14
N THR A 52 -12.03 -8.60 -8.83
CA THR A 52 -12.69 -9.57 -7.94
C THR A 52 -11.93 -10.87 -7.70
N SER A 53 -11.36 -11.46 -8.76
CA SER A 53 -10.88 -12.84 -8.66
C SER A 53 -9.56 -13.13 -9.36
N ASN A 54 -8.92 -12.11 -9.92
CA ASN A 54 -7.71 -12.34 -10.69
C ASN A 54 -6.47 -11.97 -9.89
N LEU A 55 -5.63 -12.96 -9.64
CA LEU A 55 -4.44 -12.76 -8.83
C LEU A 55 -3.42 -11.91 -9.56
N ALA A 56 -2.79 -10.99 -8.82
CA ALA A 56 -1.73 -10.14 -9.34
C ALA A 56 -0.40 -10.90 -9.38
N SER A 57 0.58 -10.32 -10.05
CA SER A 57 1.93 -10.90 -10.13
C SER A 57 2.47 -11.27 -8.76
N GLY A 58 3.04 -12.46 -8.66
CA GLY A 58 3.74 -12.90 -7.45
C GLY A 58 2.84 -13.34 -6.31
N VAL A 59 1.54 -13.33 -6.54
CA VAL A 59 0.58 -13.72 -5.50
C VAL A 59 0.36 -15.24 -5.54
N PRO A 60 0.61 -15.92 -4.40
CA PRO A 60 0.46 -17.38 -4.35
C PRO A 60 -0.95 -17.85 -4.71
N ALA A 61 -1.02 -18.98 -5.40
CA ALA A 61 -2.28 -19.57 -5.84
C ALA A 61 -3.28 -19.88 -4.71
N ARG A 62 -2.80 -19.93 -3.47
CA ARG A 62 -3.70 -20.16 -2.32
C ARG A 62 -4.68 -18.99 -2.08
N PHE A 63 -4.40 -17.85 -2.71
CA PHE A 63 -5.32 -16.71 -2.65
C PHE A 63 -6.40 -16.85 -3.71
N SER A 64 -7.60 -16.38 -3.37
CA SER A 64 -8.70 -16.30 -4.32
C SER A 64 -9.65 -15.21 -3.87
N GLY A 65 -10.53 -14.82 -4.78
CA GLY A 65 -11.56 -13.85 -4.47
C GLY A 65 -12.81 -14.18 -5.23
N SER A 66 -13.95 -13.75 -4.71
CA SER A 66 -15.24 -13.97 -5.35
C SER A 66 -16.22 -12.89 -4.92
N GLY A 67 -17.32 -12.79 -5.64
CA GLY A 67 -18.39 -11.89 -5.25
C GLY A 67 -19.10 -11.24 -6.41
N SER A 68 -20.18 -10.54 -6.08
CA SER A 68 -20.97 -9.78 -7.04
C SER A 68 -21.87 -8.82 -6.26
N GLY A 69 -22.45 -7.85 -6.96
CA GLY A 69 -23.39 -6.91 -6.35
C GLY A 69 -22.74 -6.10 -5.24
N THR A 70 -23.18 -6.35 -4.02
CA THR A 70 -22.67 -5.63 -2.85
C THR A 70 -21.81 -6.51 -1.94
N SER A 71 -21.65 -7.79 -2.28
CA SER A 71 -20.97 -8.74 -1.38
C SER A 71 -19.78 -9.42 -2.04
N TYR A 72 -18.60 -9.14 -1.51
CA TYR A 72 -17.35 -9.66 -2.04
C TYR A 72 -16.54 -10.30 -0.92
N SER A 73 -15.60 -11.17 -1.28
CA SER A 73 -14.76 -11.84 -0.29
C SER A 73 -13.39 -12.19 -0.84
N LEU A 74 -12.44 -12.34 0.07
CA LEU A 74 -11.11 -12.86 -0.23
C LEU A 74 -10.88 -14.08 0.64
N THR A 75 -10.36 -15.13 0.02
CA THR A 75 -10.05 -16.38 0.72
C THR A 75 -8.59 -16.77 0.59
N ILE A 76 -8.00 -17.20 1.70
CA ILE A 76 -6.68 -17.83 1.68
C ILE A 76 -6.90 -19.31 1.96
N GLY A 77 -6.53 -20.15 1.01
CA GLY A 77 -6.80 -21.59 1.10
C GLY A 77 -6.13 -22.27 2.29
N THR A 78 -4.89 -21.87 2.55
CA THR A 78 -4.14 -22.36 3.69
C THR A 78 -3.38 -21.19 4.31
N MET A 79 -3.80 -20.79 5.50
CA MET A 79 -3.18 -19.64 6.17
C MET A 79 -1.71 -19.90 6.44
N GLU A 80 -0.84 -19.04 5.90
CA GLU A 80 0.59 -19.14 6.13
C GLU A 80 1.07 -18.01 7.03
N ALA A 81 2.19 -18.23 7.70
CA ALA A 81 2.77 -17.23 8.60
C ALA A 81 2.96 -15.88 7.90
N GLU A 82 3.41 -15.91 6.65
CA GLU A 82 3.69 -14.68 5.88
C GLU A 82 2.43 -13.96 5.38
N ASP A 83 1.26 -14.54 5.66
CA ASP A 83 0.00 -13.92 5.23
C ASP A 83 -0.52 -12.90 6.23
N VAL A 84 0.13 -12.82 7.39
CA VAL A 84 -0.27 -11.83 8.40
C VAL A 84 -0.01 -10.42 7.85
N ALA A 85 -1.06 -9.61 7.85
CA ALA A 85 -1.07 -8.31 7.17
C ALA A 85 -2.45 -7.71 7.35
N THR A 86 -2.62 -6.48 6.90
CA THR A 86 -3.95 -5.87 6.79
C THR A 86 -4.39 -5.91 5.34
N TYR A 87 -5.65 -6.28 5.12
CA TYR A 87 -6.21 -6.37 3.77
C TYR A 87 -7.29 -5.34 3.56
N TYR A 88 -7.26 -4.68 2.40
CA TYR A 88 -8.24 -3.67 2.03
C TYR A 88 -8.88 -4.02 0.71
N CYS A 89 -10.21 -4.00 0.64
CA CYS A 89 -10.90 -3.99 -0.64
C CYS A 89 -10.98 -2.55 -1.15
N GLN A 90 -11.30 -2.38 -2.42
CA GLN A 90 -11.39 -1.06 -3.03
C GLN A 90 -12.31 -1.11 -4.24
N GLN A 91 -13.14 -0.09 -4.39
CA GLN A 91 -13.96 0.04 -5.60
C GLN A 91 -13.46 1.17 -6.49
N GLY A 92 -13.49 0.94 -7.80
CA GLY A 92 -13.01 1.91 -8.79
C GLY A 92 -14.05 2.30 -9.81
N SER A 93 -15.31 2.15 -9.45
CA SER A 93 -16.46 2.39 -10.33
C SER A 93 -16.99 3.82 -10.23
N SER A 94 -17.03 4.35 -9.01
CA SER A 94 -17.63 5.65 -8.76
C SER A 94 -16.73 6.55 -7.93
N ILE A 95 -16.87 7.85 -8.14
CA ILE A 95 -16.17 8.86 -7.36
C ILE A 95 -17.00 9.20 -6.11
N PRO A 96 -16.34 9.28 -4.94
CA PRO A 96 -14.91 9.06 -4.74
C PRO A 96 -14.55 7.58 -4.72
N PHE A 97 -13.38 7.23 -5.27
CA PHE A 97 -12.90 5.86 -5.10
C PHE A 97 -12.75 5.63 -3.61
N THR A 98 -13.08 4.43 -3.17
CA THR A 98 -13.10 4.14 -1.74
C THR A 98 -12.42 2.83 -1.42
N PHE A 99 -11.74 2.82 -0.29
CA PHE A 99 -11.16 1.62 0.30
C PHE A 99 -12.01 1.12 1.45
N GLY A 100 -12.00 -0.20 1.63
CA GLY A 100 -12.70 -0.82 2.74
C GLY A 100 -12.08 -0.44 4.09
N SER A 101 -12.81 -0.74 5.15
CA SER A 101 -12.40 -0.39 6.50
C SER A 101 -11.19 -1.19 7.01
N GLY A 102 -10.83 -2.25 6.28
CA GLY A 102 -9.62 -3.03 6.58
C GLY A 102 -9.84 -4.21 7.52
N THR A 103 -9.18 -5.32 7.21
CA THR A 103 -9.17 -6.50 8.08
C THR A 103 -7.73 -6.89 8.35
N LYS A 104 -7.36 -6.93 9.62
CA LYS A 104 -6.04 -7.40 10.01
C LYS A 104 -6.08 -8.91 10.29
N LEU A 105 -5.29 -9.67 9.53
CA LEU A 105 -5.20 -11.11 9.72
C LEU A 105 -4.01 -11.42 10.60
N GLU A 106 -4.26 -12.20 11.64
CA GLU A 106 -3.21 -12.73 12.48
C GLU A 106 -3.29 -14.24 12.43
N ILE A 107 -2.25 -14.92 12.86
CA ILE A 107 -2.19 -16.37 12.79
C ILE A 107 -1.98 -16.95 14.19
N LYS A 108 -2.56 -18.13 14.42
CA LYS A 108 -2.39 -18.82 15.68
C LYS A 108 -1.11 -19.64 15.70
N ARG A 109 -0.57 -19.83 16.89
CA ARG A 109 0.60 -20.67 17.11
C ARG A 109 0.62 -21.09 18.58
N ALA A 110 1.57 -21.94 18.95
CA ALA A 110 1.72 -22.37 20.34
C ALA A 110 2.09 -21.20 21.24
N ASP A 111 1.58 -21.23 22.48
CA ASP A 111 1.91 -20.21 23.48
C ASP A 111 3.41 -20.15 23.70
N ALA A 112 3.94 -18.94 23.87
CA ALA A 112 5.36 -18.73 24.11
C ALA A 112 5.55 -17.62 25.13
N ALA A 113 6.39 -17.88 26.13
CA ALA A 113 6.71 -16.88 27.14
C ALA A 113 7.63 -15.82 26.57
N PRO A 114 7.51 -14.56 27.03
CA PRO A 114 8.41 -13.51 26.58
C PRO A 114 9.85 -13.72 27.04
N THR A 115 10.81 -13.41 26.16
CA THR A 115 12.21 -13.33 26.53
C THR A 115 12.44 -11.89 26.98
N VAL A 116 12.74 -11.72 28.26
CA VAL A 116 12.84 -10.37 28.85
C VAL A 116 14.30 -9.99 29.03
N SER A 117 14.64 -8.77 28.59
CA SER A 117 15.99 -8.23 28.75
C SER A 117 15.91 -6.81 29.26
N ILE A 118 16.72 -6.48 30.28
CA ILE A 118 16.74 -5.14 30.87
C ILE A 118 18.10 -4.46 30.66
N PHE A 119 18.08 -3.15 30.43
CA PHE A 119 19.28 -2.39 30.10
C PHE A 119 19.39 -1.11 30.91
N PRO A 120 20.50 -0.93 31.65
CA PRO A 120 20.74 0.33 32.33
C PRO A 120 20.98 1.49 31.35
N PRO A 121 20.95 2.73 31.84
CA PRO A 121 21.27 3.88 30.99
C PRO A 121 22.72 3.84 30.48
N SER A 122 22.90 4.34 29.26
CA SER A 122 24.22 4.47 28.63
C SER A 122 24.99 5.62 29.24
N SER A 123 26.32 5.58 29.14
CA SER A 123 27.14 6.70 29.59
C SER A 123 26.86 7.98 28.80
N GLU A 124 26.58 7.84 27.50
CA GLU A 124 26.21 8.99 26.67
C GLU A 124 25.02 9.72 27.27
N GLN A 125 23.99 8.96 27.64
CA GLN A 125 22.80 9.58 28.20
C GLN A 125 23.04 10.11 29.61
N LEU A 126 23.67 9.29 30.45
CA LEU A 126 23.91 9.69 31.84
C LEU A 126 24.69 10.98 31.94
N THR A 127 25.77 11.09 31.15
CA THR A 127 26.63 12.26 31.23
C THR A 127 25.96 13.51 30.68
N SER A 128 24.91 13.35 29.90
CA SER A 128 24.12 14.48 29.40
C SER A 128 23.05 14.92 30.40
N GLY A 129 22.84 14.11 31.44
CA GLY A 129 21.86 14.42 32.48
C GLY A 129 20.61 13.56 32.53
N GLY A 130 20.47 12.64 31.57
CA GLY A 130 19.26 11.81 31.48
C GLY A 130 19.53 10.37 31.88
N ALA A 131 18.47 9.60 32.08
CA ALA A 131 18.60 8.19 32.42
C ALA A 131 17.37 7.38 32.05
N SER A 132 17.46 6.65 30.96
CA SER A 132 16.39 5.75 30.54
C SER A 132 16.80 4.31 30.78
N VAL A 133 15.88 3.56 31.37
CA VAL A 133 16.03 2.11 31.57
C VAL A 133 15.08 1.44 30.60
N VAL A 134 15.59 0.48 29.84
CA VAL A 134 14.82 -0.15 28.77
C VAL A 134 14.61 -1.62 29.05
N CYS A 135 13.39 -2.09 28.83
CA CYS A 135 13.05 -3.50 28.96
C CYS A 135 12.46 -3.96 27.64
N PHE A 136 13.04 -5.01 27.05
CA PHE A 136 12.42 -5.67 25.91
C PHE A 136 11.74 -6.95 26.37
N LEU A 137 10.51 -7.17 25.87
CA LEU A 137 9.74 -8.37 26.16
C LEU A 137 9.47 -8.99 24.80
N ASN A 138 10.31 -9.94 24.42
CA ASN A 138 10.39 -10.37 23.02
C ASN A 138 9.86 -11.76 22.72
N ASN A 139 9.28 -11.88 21.53
CA ASN A 139 8.86 -13.16 20.95
C ASN A 139 7.90 -13.97 21.83
N PHE A 140 6.80 -13.34 22.21
CA PHE A 140 5.78 -14.01 23.01
C PHE A 140 4.50 -14.27 22.22
N TYR A 141 3.67 -15.17 22.73
CA TYR A 141 2.36 -15.46 22.17
C TYR A 141 1.50 -16.06 23.27
N PRO A 142 0.22 -15.62 23.40
CA PRO A 142 -0.50 -14.64 22.57
C PRO A 142 -0.11 -13.19 22.86
N LYS A 143 -0.82 -12.25 22.21
CA LYS A 143 -0.37 -10.86 22.15
C LYS A 143 -0.58 -10.04 23.41
N ASP A 144 -1.54 -10.43 24.26
CA ASP A 144 -1.83 -9.65 25.46
C ASP A 144 -0.71 -9.78 26.50
N ILE A 145 -0.25 -8.65 26.99
CA ILE A 145 0.86 -8.61 27.94
C ILE A 145 0.79 -7.32 28.77
N ASN A 146 1.26 -7.41 30.02
CA ASN A 146 1.39 -6.25 30.86
C ASN A 146 2.81 -6.14 31.39
N VAL A 147 3.32 -4.91 31.44
CA VAL A 147 4.62 -4.65 32.05
C VAL A 147 4.45 -3.75 33.27
N LYS A 148 5.13 -4.12 34.34
CA LYS A 148 5.17 -3.32 35.56
C LYS A 148 6.61 -2.96 35.87
N TRP A 149 6.86 -1.68 36.11
CA TRP A 149 8.18 -1.20 36.55
C TRP A 149 8.21 -1.02 38.06
N LYS A 150 9.32 -1.45 38.67
CA LYS A 150 9.57 -1.18 40.08
C LYS A 150 10.93 -0.53 40.29
N ILE A 151 10.94 0.55 41.09
CA ILE A 151 12.16 1.21 41.53
C ILE A 151 12.25 1.01 43.03
N ASP A 152 13.37 0.45 43.48
CA ASP A 152 13.58 0.11 44.89
C ASP A 152 12.41 -0.71 45.46
N GLY A 153 11.94 -1.67 44.66
CA GLY A 153 10.92 -2.62 45.10
C GLY A 153 9.47 -2.14 45.03
N SER A 154 9.28 -0.85 44.73
CA SER A 154 7.93 -0.27 44.67
C SER A 154 7.53 0.09 43.24
N GLU A 155 6.24 -0.08 42.94
CA GLU A 155 5.71 0.22 41.61
C GLU A 155 5.96 1.67 41.18
N ARG A 156 6.43 1.83 39.94
CA ARG A 156 6.62 3.12 39.31
C ARG A 156 5.76 3.17 38.04
N GLN A 157 4.86 4.14 37.97
CA GLN A 157 3.91 4.22 36.84
C GLN A 157 4.19 5.37 35.87
N ASN A 158 4.67 6.51 36.38
CA ASN A 158 4.97 7.64 35.50
C ASN A 158 6.33 7.56 34.82
N GLY A 159 6.43 8.19 33.65
CA GLY A 159 7.68 8.23 32.88
C GLY A 159 7.94 7.00 32.03
N VAL A 160 6.88 6.27 31.71
CA VAL A 160 6.99 5.03 30.94
C VAL A 160 6.48 5.22 29.51
N LEU A 161 7.24 4.70 28.55
CA LEU A 161 6.82 4.73 27.15
C LEU A 161 6.86 3.31 26.61
N ASN A 162 5.69 2.84 26.18
CA ASN A 162 5.55 1.48 25.67
C ASN A 162 5.26 1.45 24.18
N SER A 163 5.83 0.46 23.50
CA SER A 163 5.54 0.22 22.09
C SER A 163 5.47 -1.27 21.82
N TRP A 164 4.58 -1.65 20.91
CA TRP A 164 4.31 -3.06 20.58
C TRP A 164 4.49 -3.27 19.09
N THR A 165 4.99 -4.43 18.71
CA THR A 165 5.03 -4.80 17.30
C THR A 165 3.76 -5.53 16.87
N ASP A 166 3.47 -5.50 15.57
CA ASP A 166 2.51 -6.40 14.99
C ASP A 166 3.15 -7.79 14.85
N GLN A 167 2.35 -8.80 14.54
CA GLN A 167 2.83 -10.18 14.51
C GLN A 167 3.97 -10.40 13.52
N ASP A 168 5.00 -11.11 14.00
CA ASP A 168 6.16 -11.43 13.20
C ASP A 168 5.77 -12.38 12.07
N SER A 169 6.19 -12.07 10.85
CA SER A 169 5.82 -12.86 9.67
C SER A 169 6.52 -14.22 9.59
N LYS A 170 7.58 -14.39 10.38
CA LYS A 170 8.36 -15.63 10.38
C LYS A 170 7.93 -16.59 11.48
N ASP A 171 7.99 -16.14 12.73
CA ASP A 171 7.72 -17.03 13.87
C ASP A 171 6.39 -16.76 14.58
N SER A 172 5.63 -15.81 14.04
CA SER A 172 4.25 -15.55 14.49
C SER A 172 4.12 -15.11 15.94
N THR A 173 5.17 -14.48 16.45
CA THR A 173 5.15 -13.96 17.82
C THR A 173 4.96 -12.44 17.83
N TYR A 174 4.83 -11.90 19.04
CA TYR A 174 4.70 -10.47 19.27
C TYR A 174 5.84 -10.04 20.16
N SER A 175 6.20 -8.75 20.09
CA SER A 175 7.22 -8.20 20.98
C SER A 175 6.79 -6.85 21.52
N MET A 176 7.41 -6.43 22.62
CA MET A 176 7.10 -5.16 23.26
C MET A 176 8.36 -4.51 23.81
N SER A 177 8.41 -3.19 23.74
CA SER A 177 9.49 -2.42 24.36
C SER A 177 8.90 -1.48 25.40
N SER A 178 9.56 -1.38 26.55
CA SER A 178 9.14 -0.47 27.60
C SER A 178 10.35 0.33 28.09
N THR A 179 10.22 1.66 28.07
CA THR A 179 11.31 2.55 28.48
C THR A 179 10.85 3.42 29.64
N LEU A 180 11.59 3.36 30.74
CA LEU A 180 11.35 4.20 31.90
C LEU A 180 12.37 5.34 31.92
N THR A 181 11.91 6.58 31.85
CA THR A 181 12.84 7.72 31.79
C THR A 181 12.83 8.55 33.07
N LEU A 182 14.02 8.73 33.61
CA LEU A 182 14.28 9.56 34.77
C LEU A 182 15.43 10.49 34.39
N THR A 183 15.80 11.40 35.28
CA THR A 183 17.04 12.16 35.13
C THR A 183 18.17 11.33 35.73
N LYS A 184 19.41 11.68 35.38
CA LYS A 184 20.56 11.02 35.99
C LYS A 184 20.52 11.13 37.51
N ASP A 185 20.22 12.32 38.02
CA ASP A 185 20.18 12.51 39.46
C ASP A 185 19.16 11.59 40.14
N GLU A 186 17.96 11.48 39.56
CA GLU A 186 16.94 10.61 40.12
C GLU A 186 17.38 9.14 40.03
N TYR A 187 17.96 8.77 38.89
CA TYR A 187 18.46 7.42 38.70
C TYR A 187 19.51 7.05 39.76
N GLU A 188 20.39 7.98 40.07
CA GLU A 188 21.46 7.76 41.04
C GLU A 188 20.99 7.75 42.50
N ARG A 189 19.75 8.16 42.74
CA ARG A 189 19.20 8.18 44.10
C ARG A 189 18.49 6.88 44.48
N HIS A 190 18.45 5.95 43.54
CA HIS A 190 17.83 4.65 43.76
C HIS A 190 18.76 3.53 43.29
N ASN A 191 18.48 2.30 43.72
CA ASN A 191 19.37 1.18 43.47
C ASN A 191 18.78 0.08 42.59
N SER A 192 17.60 -0.42 42.97
CA SER A 192 16.98 -1.56 42.30
C SER A 192 16.06 -1.11 41.18
N TYR A 193 16.28 -1.64 39.99
CA TYR A 193 15.42 -1.38 38.83
C TYR A 193 14.92 -2.68 38.26
N THR A 194 13.60 -2.81 38.17
CA THR A 194 12.96 -4.06 37.82
C THR A 194 11.82 -3.86 36.82
N CYS A 195 11.82 -4.67 35.76
CA CYS A 195 10.63 -4.77 34.90
C CYS A 195 10.04 -6.16 35.06
N GLU A 196 8.73 -6.21 35.26
CA GLU A 196 7.99 -7.46 35.44
C GLU A 196 6.98 -7.65 34.31
N ALA A 197 7.04 -8.80 33.65
CA ALA A 197 6.11 -9.10 32.56
C ALA A 197 5.05 -10.12 32.98
N THR A 198 3.79 -9.72 32.86
CA THR A 198 2.67 -10.63 33.12
C THR A 198 2.03 -11.08 31.79
N HIS A 199 2.01 -12.39 31.60
CA HIS A 199 1.57 -13.03 30.36
C HIS A 199 0.84 -14.30 30.73
N LYS A 200 -0.02 -14.81 29.84
CA LYS A 200 -0.84 -15.99 30.19
C LYS A 200 -0.06 -17.29 30.34
N THR A 201 1.18 -17.31 29.86
CA THR A 201 2.06 -18.48 29.94
C THR A 201 2.50 -18.81 31.38
N SER A 202 2.30 -17.88 32.31
CA SER A 202 2.60 -18.10 33.72
C SER A 202 1.72 -17.26 34.64
N THR A 203 1.35 -17.83 35.78
CA THR A 203 0.60 -17.09 36.81
C THR A 203 1.52 -16.12 37.55
N SER A 204 2.82 -16.37 37.45
CA SER A 204 3.85 -15.49 38.01
C SER A 204 4.53 -14.69 36.90
N PRO A 205 4.91 -13.44 37.20
CA PRO A 205 5.58 -12.60 36.20
C PRO A 205 6.98 -13.09 35.86
N ILE A 206 7.43 -12.79 34.64
CA ILE A 206 8.84 -12.98 34.28
C ILE A 206 9.53 -11.66 34.61
N VAL A 207 10.58 -11.76 35.43
CA VAL A 207 11.18 -10.59 36.06
C VAL A 207 12.65 -10.47 35.66
N LYS A 208 13.04 -9.27 35.23
CA LYS A 208 14.44 -8.94 35.06
C LYS A 208 14.77 -7.70 35.88
N SER A 209 15.95 -7.70 36.46
CA SER A 209 16.34 -6.64 37.40
C SER A 209 17.85 -6.40 37.37
N PHE A 210 18.25 -5.21 37.80
CA PHE A 210 19.64 -4.94 38.14
C PHE A 210 19.68 -3.98 39.32
N ASN A 211 20.79 -4.01 40.05
CA ASN A 211 21.09 -3.01 41.06
C ASN A 211 22.14 -2.03 40.51
N ARG A 212 21.81 -0.74 40.56
CA ARG A 212 22.70 0.29 40.03
C ARG A 212 24.12 0.20 40.58
N ASN A 213 24.24 -0.03 41.89
CA ASN A 213 25.56 -0.09 42.54
C ASN A 213 26.36 -1.37 42.24
N GLU A 214 25.75 -2.29 41.51
CA GLU A 214 26.42 -3.52 41.08
C GLU A 214 26.68 -3.47 39.58
N GLN B 1 10.91 -0.06 -16.37
CA GLN B 1 10.44 -0.34 -14.99
C GLN B 1 9.63 0.83 -14.44
N VAL B 2 8.42 0.53 -13.97
CA VAL B 2 7.53 1.56 -13.41
C VAL B 2 7.98 1.98 -12.00
N GLN B 3 8.12 3.28 -11.80
CA GLN B 3 8.48 3.84 -10.50
C GLN B 3 7.66 5.08 -10.23
N LEU B 4 7.26 5.26 -8.98
CA LEU B 4 6.68 6.52 -8.53
C LEU B 4 7.37 6.92 -7.24
N LYS B 5 7.74 8.19 -7.12
CA LYS B 5 8.46 8.68 -5.93
C LYS B 5 7.85 9.99 -5.45
N GLU B 6 7.36 9.97 -4.21
CA GLU B 6 6.81 11.17 -3.57
C GLU B 6 7.92 11.98 -2.91
N SER B 7 7.82 13.30 -3.03
CA SER B 7 8.72 14.20 -2.31
C SER B 7 7.87 15.31 -1.73
N GLY B 8 7.92 15.45 -0.42
CA GLY B 8 7.12 16.43 0.31
C GLY B 8 7.95 17.17 1.34
N PRO B 9 7.35 18.16 2.02
CA PRO B 9 8.05 19.00 2.99
C PRO B 9 8.31 18.34 4.35
N GLY B 10 7.64 17.23 4.64
CA GLY B 10 7.83 16.48 5.88
C GLY B 10 7.08 17.03 7.08
N LEU B 11 7.21 18.33 7.30
CA LEU B 11 6.57 18.99 8.43
C LEU B 11 6.12 20.38 8.00
N VAL B 12 4.86 20.67 8.29
CA VAL B 12 4.26 21.96 7.95
C VAL B 12 3.35 22.41 9.10
N ALA B 13 3.29 23.73 9.33
CA ALA B 13 2.51 24.29 10.42
C ALA B 13 1.03 24.34 10.08
N PRO B 14 0.14 24.13 11.09
CA PRO B 14 -1.30 24.25 10.89
C PRO B 14 -1.70 25.55 10.18
N SER B 15 -2.71 25.44 9.32
CA SER B 15 -3.25 26.55 8.51
C SER B 15 -2.33 27.03 7.37
N GLN B 16 -1.13 26.46 7.28
CA GLN B 16 -0.24 26.71 6.14
C GLN B 16 -0.57 25.75 5.00
N SER B 17 0.12 25.92 3.87
CA SER B 17 -0.15 25.10 2.68
C SER B 17 0.84 23.95 2.53
N LEU B 18 0.41 22.94 1.77
CA LEU B 18 1.19 21.74 1.52
C LEU B 18 1.34 21.53 0.03
N SER B 19 2.54 21.13 -0.39
CA SER B 19 2.77 20.76 -1.78
C SER B 19 3.62 19.51 -1.83
N ILE B 20 3.11 18.47 -2.49
CA ILE B 20 3.85 17.22 -2.67
C ILE B 20 3.95 16.91 -4.15
N THR B 21 5.13 16.44 -4.57
CA THR B 21 5.40 16.08 -5.95
C THR B 21 5.54 14.57 -6.06
N CYS B 22 4.88 14.00 -7.06
CA CYS B 22 5.04 12.60 -7.43
C CYS B 22 5.81 12.56 -8.74
N THR B 23 7.02 12.04 -8.72
CA THR B 23 7.81 11.91 -9.95
C THR B 23 7.76 10.47 -10.41
N VAL B 24 7.33 10.28 -11.67
CA VAL B 24 7.16 8.93 -12.21
C VAL B 24 8.18 8.64 -13.30
N SER B 25 8.43 7.35 -13.51
CA SER B 25 9.23 6.89 -14.65
C SER B 25 8.76 5.51 -15.08
N GLY B 26 9.15 5.11 -16.29
CA GLY B 26 8.74 3.81 -16.83
C GLY B 26 7.36 3.83 -17.48
N PHE B 27 6.65 4.94 -17.36
CA PHE B 27 5.39 5.16 -18.07
C PHE B 27 5.15 6.65 -18.27
N SER B 28 4.29 6.98 -19.23
CA SER B 28 3.94 8.37 -19.51
C SER B 28 2.66 8.74 -18.79
N LEU B 29 2.62 9.94 -18.22
CA LEU B 29 1.40 10.42 -17.58
C LEU B 29 0.24 10.64 -18.56
N THR B 30 0.56 10.67 -19.85
CA THR B 30 -0.49 10.76 -20.87
C THR B 30 -1.20 9.42 -21.07
N ASP B 31 -0.59 8.34 -20.59
CA ASP B 31 -1.08 6.98 -20.83
C ASP B 31 -1.84 6.33 -19.67
N TYR B 32 -1.63 6.81 -18.45
CA TYR B 32 -2.24 6.19 -17.26
C TYR B 32 -2.67 7.25 -16.26
N GLY B 33 -3.70 6.92 -15.48
CA GLY B 33 -4.12 7.76 -14.37
C GLY B 33 -3.18 7.58 -13.19
N VAL B 34 -3.08 8.62 -12.37
CA VAL B 34 -2.35 8.56 -11.11
C VAL B 34 -3.27 9.13 -10.03
N SER B 35 -3.37 8.40 -8.92
CA SER B 35 -4.18 8.84 -7.77
C SER B 35 -3.29 9.21 -6.59
N TRP B 36 -3.82 10.07 -5.73
CA TRP B 36 -3.22 10.35 -4.43
C TRP B 36 -4.08 9.68 -3.36
N ILE B 37 -3.43 9.03 -2.41
CA ILE B 37 -4.07 8.32 -1.32
C ILE B 37 -3.30 8.64 -0.06
N ARG B 38 -3.99 8.82 1.06
CA ARG B 38 -3.30 9.05 2.32
C ARG B 38 -3.71 8.07 3.41
N GLN B 39 -2.85 7.96 4.42
CA GLN B 39 -3.05 7.02 5.51
C GLN B 39 -2.52 7.61 6.80
N PRO B 40 -3.43 8.07 7.70
CA PRO B 40 -3.00 8.55 9.02
C PRO B 40 -2.31 7.42 9.79
N PRO B 41 -1.43 7.76 10.74
CA PRO B 41 -0.76 6.71 11.52
C PRO B 41 -1.75 5.73 12.15
N GLY B 42 -1.54 4.45 11.89
CA GLY B 42 -2.39 3.38 12.42
C GLY B 42 -3.82 3.30 11.89
N LYS B 43 -4.11 4.07 10.84
CA LYS B 43 -5.45 4.10 10.26
C LYS B 43 -5.50 3.52 8.85
N GLY B 44 -6.66 3.65 8.21
CA GLY B 44 -6.89 3.08 6.90
C GLY B 44 -6.54 4.02 5.76
N LEU B 45 -6.95 3.64 4.55
CA LEU B 45 -6.61 4.38 3.35
C LEU B 45 -7.74 5.29 2.92
N GLU B 46 -7.39 6.54 2.59
CA GLU B 46 -8.35 7.51 2.10
C GLU B 46 -7.89 8.04 0.76
N TRP B 47 -8.71 7.80 -0.27
CA TRP B 47 -8.44 8.28 -1.61
C TRP B 47 -8.72 9.78 -1.68
N LEU B 48 -7.80 10.52 -2.30
CA LEU B 48 -7.88 11.99 -2.33
C LEU B 48 -8.32 12.55 -3.68
N GLY B 49 -7.78 11.98 -4.75
CA GLY B 49 -8.10 12.44 -6.09
C GLY B 49 -7.30 11.70 -7.16
N VAL B 50 -7.65 11.97 -8.41
CA VAL B 50 -7.04 11.30 -9.55
C VAL B 50 -6.88 12.27 -10.72
N THR B 51 -5.82 12.10 -11.49
CA THR B 51 -5.72 12.80 -12.77
C THR B 51 -5.42 11.77 -13.86
N TRP B 52 -6.27 11.74 -14.89
CA TRP B 52 -6.11 10.74 -15.94
C TRP B 52 -5.23 11.27 -17.07
N GLY B 53 -4.94 10.40 -18.04
CA GLY B 53 -4.01 10.73 -19.12
C GLY B 53 -4.30 12.04 -19.85
N GLY B 54 -5.57 12.28 -20.15
CA GLY B 54 -5.99 13.49 -20.86
C GLY B 54 -6.10 14.72 -19.96
N GLY B 55 -5.95 14.50 -18.66
CA GLY B 55 -5.99 15.59 -17.68
C GLY B 55 -7.24 15.63 -16.83
N THR B 56 -8.25 14.85 -17.17
CA THR B 56 -9.47 14.75 -16.37
C THR B 56 -9.10 14.50 -14.90
N THR B 57 -9.65 15.32 -14.01
CA THR B 57 -9.26 15.28 -12.61
C THR B 57 -10.51 15.31 -11.73
N TYR B 58 -10.64 14.30 -10.86
CA TYR B 58 -11.72 14.27 -9.88
C TYR B 58 -11.16 14.13 -8.47
N TYR B 59 -11.98 14.54 -7.50
CA TYR B 59 -11.57 14.66 -6.10
C TYR B 59 -12.51 13.97 -5.14
N ASN B 60 -12.02 13.68 -3.94
CA ASN B 60 -12.84 13.33 -2.81
C ASN B 60 -13.55 14.60 -2.31
N SER B 61 -14.89 14.58 -2.31
CA SER B 61 -15.68 15.76 -1.92
C SER B 61 -15.52 16.14 -0.45
N ALA B 62 -15.03 15.21 0.37
CA ALA B 62 -14.74 15.49 1.78
C ALA B 62 -13.53 16.41 1.94
N LEU B 63 -12.82 16.66 0.83
CA LEU B 63 -11.58 17.43 0.84
C LEU B 63 -11.45 18.40 -0.34
N LYS B 64 -12.37 18.30 -1.31
CA LYS B 64 -12.29 19.01 -2.58
C LYS B 64 -11.98 20.50 -2.47
N SER B 65 -12.63 21.18 -1.52
CA SER B 65 -12.46 22.61 -1.33
C SER B 65 -11.06 23.00 -0.86
N ARG B 66 -10.30 22.02 -0.38
CA ARG B 66 -9.04 22.25 0.29
C ARG B 66 -7.87 21.65 -0.50
N LEU B 67 -8.21 20.87 -1.52
CA LEU B 67 -7.22 20.06 -2.22
C LEU B 67 -7.24 20.34 -3.71
N SER B 68 -6.05 20.35 -4.32
CA SER B 68 -5.94 20.46 -5.77
C SER B 68 -4.85 19.53 -6.29
N ILE B 69 -5.08 19.02 -7.49
CA ILE B 69 -4.13 18.15 -8.16
C ILE B 69 -3.84 18.74 -9.54
N SER B 70 -2.57 18.76 -9.91
CA SER B 70 -2.16 19.19 -11.24
C SER B 70 -1.04 18.28 -11.72
N LYS B 71 -0.64 18.44 -12.97
CA LYS B 71 0.47 17.65 -13.49
C LYS B 71 1.24 18.36 -14.58
N ASP B 72 2.48 17.91 -14.77
CA ASP B 72 3.33 18.33 -15.87
C ASP B 72 3.70 17.07 -16.63
N ASN B 73 3.00 16.81 -17.73
CA ASN B 73 3.27 15.62 -18.54
C ASN B 73 4.72 15.53 -19.01
N SER B 74 5.27 16.65 -19.48
CA SER B 74 6.62 16.70 -20.02
C SER B 74 7.72 16.37 -18.99
N LYS B 75 7.46 16.68 -17.72
CA LYS B 75 8.42 16.43 -16.65
C LYS B 75 8.07 15.18 -15.82
N SER B 76 7.02 14.48 -16.24
CA SER B 76 6.55 13.28 -15.54
C SER B 76 6.29 13.52 -14.05
N GLN B 77 5.66 14.65 -13.75
CA GLN B 77 5.36 15.02 -12.37
C GLN B 77 3.88 15.24 -12.15
N VAL B 78 3.37 14.72 -11.03
CA VAL B 78 2.01 15.00 -10.58
C VAL B 78 2.13 15.74 -9.26
N PHE B 79 1.27 16.74 -9.04
CA PHE B 79 1.35 17.57 -7.84
C PHE B 79 0.08 17.45 -7.01
N LEU B 80 0.27 17.44 -5.69
CA LEU B 80 -0.81 17.53 -4.74
C LEU B 80 -0.59 18.79 -3.91
N LYS B 81 -1.60 19.65 -3.89
CA LYS B 81 -1.55 20.88 -3.10
C LYS B 81 -2.73 20.89 -2.13
N MET B 82 -2.44 21.23 -0.88
CA MET B 82 -3.48 21.38 0.11
C MET B 82 -3.28 22.68 0.85
N ASN B 83 -4.39 23.32 1.22
CA ASN B 83 -4.34 24.54 2.02
C ASN B 83 -5.08 24.33 3.34
N SER B 84 -4.98 25.33 4.22
CA SER B 84 -5.67 25.29 5.51
C SER B 84 -5.43 23.97 6.24
N LEU B 85 -4.16 23.59 6.36
CA LEU B 85 -3.81 22.30 6.96
C LEU B 85 -4.21 22.21 8.42
N GLN B 86 -4.76 21.06 8.78
CA GLN B 86 -5.16 20.77 10.15
C GLN B 86 -4.41 19.55 10.66
N THR B 87 -4.52 19.28 11.95
CA THR B 87 -3.84 18.15 12.58
C THR B 87 -4.21 16.82 11.89
N ASP B 88 -5.51 16.67 11.58
CA ASP B 88 -6.05 15.50 10.87
C ASP B 88 -5.34 15.17 9.55
N ASP B 89 -4.67 16.16 8.96
CA ASP B 89 -3.98 15.95 7.68
C ASP B 89 -2.65 15.22 7.84
N THR B 90 -2.23 15.01 9.08
CA THR B 90 -1.01 14.25 9.37
C THR B 90 -1.22 12.82 8.89
N ALA B 91 -0.37 12.38 7.96
CA ALA B 91 -0.55 11.08 7.31
C ALA B 91 0.62 10.76 6.39
N MET B 92 0.70 9.49 6.00
CA MET B 92 1.57 9.08 4.90
C MET B 92 0.80 9.38 3.61
N TYR B 93 1.45 10.06 2.67
CA TYR B 93 0.83 10.39 1.37
C TYR B 93 1.47 9.58 0.26
N TYR B 94 0.64 8.84 -0.47
CA TYR B 94 1.09 7.99 -1.56
C TYR B 94 0.56 8.49 -2.88
N CYS B 95 1.36 8.36 -3.93
CA CYS B 95 0.80 8.39 -5.29
C CYS B 95 0.84 6.97 -5.85
N ALA B 96 -0.12 6.66 -6.72
CA ALA B 96 -0.23 5.32 -7.27
C ALA B 96 -0.74 5.36 -8.71
N LYS B 97 -0.16 4.49 -9.54
CA LYS B 97 -0.52 4.39 -10.94
C LYS B 97 -1.73 3.49 -11.08
N HIS B 98 -2.67 3.90 -11.93
CA HIS B 98 -3.81 3.06 -12.27
C HIS B 98 -3.46 2.04 -13.34
N LYS B 99 -4.08 0.87 -13.25
CA LYS B 99 -4.10 -0.05 -14.39
C LYS B 99 -4.84 0.62 -15.56
N ALA B 100 -4.75 0.02 -16.75
CA ALA B 100 -5.38 0.60 -17.93
C ALA B 100 -6.90 0.63 -17.83
N SER B 101 -7.47 -0.35 -17.12
CA SER B 101 -8.91 -0.40 -16.90
C SER B 101 -9.27 -0.74 -15.45
N TYR B 102 -10.44 -0.25 -15.05
CA TYR B 102 -11.14 -0.62 -13.80
C TYR B 102 -10.64 0.05 -12.53
N ASN B 103 -9.64 0.91 -12.67
CA ASN B 103 -9.16 1.78 -11.61
C ASN B 103 -8.66 1.05 -10.37
N GLY B 104 -8.02 -0.09 -10.62
CA GLY B 104 -7.12 -0.73 -9.66
C GLY B 104 -5.80 0.01 -9.70
N LEU B 105 -5.03 -0.09 -8.62
CA LEU B 105 -3.78 0.63 -8.48
C LEU B 105 -2.62 -0.36 -8.44
N ASP B 106 -1.91 -0.49 -9.56
CA ASP B 106 -0.90 -1.55 -9.71
C ASP B 106 0.49 -1.22 -9.15
N TYR B 107 0.88 0.05 -9.21
CA TYR B 107 2.17 0.48 -8.65
C TYR B 107 1.99 1.65 -7.70
N TRP B 108 2.59 1.54 -6.52
CA TRP B 108 2.51 2.56 -5.49
C TRP B 108 3.89 3.12 -5.22
N GLY B 109 3.96 4.42 -4.92
CA GLY B 109 5.18 4.99 -4.37
C GLY B 109 5.42 4.47 -2.96
N GLN B 110 6.61 4.75 -2.43
CA GLN B 110 6.94 4.36 -1.06
C GLN B 110 6.27 5.28 -0.03
N GLY B 111 5.72 6.39 -0.51
CA GLY B 111 5.02 7.32 0.35
C GLY B 111 5.93 8.37 0.96
N THR B 112 5.36 9.50 1.30
CA THR B 112 6.07 10.53 2.06
C THR B 112 5.30 10.82 3.34
N THR B 113 6.03 10.89 4.46
CA THR B 113 5.40 11.18 5.74
C THR B 113 5.18 12.68 5.86
N LEU B 114 3.96 13.07 6.20
CA LEU B 114 3.64 14.46 6.43
C LEU B 114 3.03 14.67 7.80
N THR B 115 3.63 15.58 8.56
CA THR B 115 3.13 15.94 9.87
C THR B 115 2.72 17.40 9.86
N VAL B 116 1.52 17.65 10.36
CA VAL B 116 1.03 19.01 10.59
C VAL B 116 1.16 19.36 12.07
N SER B 117 2.09 20.27 12.38
CA SER B 117 2.42 20.61 13.77
C SER B 117 3.21 21.92 13.82
N SER B 118 3.13 22.59 14.96
CA SER B 118 3.95 23.78 15.21
C SER B 118 5.25 23.46 15.94
N ALA B 119 5.43 22.20 16.34
CA ALA B 119 6.63 21.76 17.05
C ALA B 119 7.88 21.86 16.19
N LYS B 120 9.02 22.11 16.84
CA LYS B 120 10.32 22.19 16.18
C LYS B 120 10.83 20.84 15.74
N THR B 121 11.56 20.83 14.64
CA THR B 121 12.35 19.68 14.24
C THR B 121 13.47 19.48 15.26
N THR B 122 13.67 18.23 15.67
CA THR B 122 14.70 17.87 16.64
C THR B 122 15.35 16.54 16.26
N ALA B 123 16.68 16.52 16.21
CA ALA B 123 17.44 15.30 15.94
C ALA B 123 17.34 14.32 17.11
N PRO B 124 17.36 13.02 16.82
CA PRO B 124 17.34 12.04 17.90
C PRO B 124 18.69 11.95 18.59
N SER B 125 18.67 11.61 19.88
CA SER B 125 19.87 11.09 20.53
C SER B 125 19.82 9.58 20.38
N VAL B 126 20.96 8.99 20.02
CA VAL B 126 21.02 7.56 19.78
C VAL B 126 21.89 6.91 20.85
N TYR B 127 21.25 6.13 21.71
CA TYR B 127 21.92 5.54 22.86
C TYR B 127 22.08 4.02 22.72
N PRO B 128 23.28 3.51 23.00
CA PRO B 128 23.51 2.08 22.93
C PRO B 128 22.89 1.37 24.14
N LEU B 129 22.31 0.19 23.90
CA LEU B 129 21.82 -0.65 24.98
C LEU B 129 22.65 -1.93 25.04
N ALA B 130 23.50 -2.00 26.08
CA ALA B 130 24.39 -3.13 26.30
C ALA B 130 24.13 -3.71 27.69
N PRO B 131 24.41 -5.01 27.90
CA PRO B 131 24.30 -5.58 29.25
C PRO B 131 25.50 -5.21 30.12
N VAL B 132 25.59 -3.93 30.52
CA VAL B 132 26.75 -3.42 31.25
C VAL B 132 26.98 -4.09 32.63
N CYS B 133 26.12 -5.06 32.95
CA CYS B 133 26.32 -5.99 34.07
C CYS B 133 26.70 -5.31 35.38
N GLY B 138 23.21 -17.25 29.12
CA GLY B 138 22.49 -18.06 28.13
C GLY B 138 23.25 -18.17 26.81
N SER B 139 22.65 -18.87 25.85
CA SER B 139 23.27 -19.08 24.55
C SER B 139 23.03 -17.93 23.57
N SER B 140 22.09 -17.05 23.92
CA SER B 140 21.84 -15.84 23.14
C SER B 140 22.08 -14.59 23.97
N VAL B 141 22.39 -13.48 23.29
CA VAL B 141 22.50 -12.17 23.93
C VAL B 141 21.70 -11.15 23.13
N THR B 142 21.01 -10.28 23.85
CA THR B 142 20.22 -9.22 23.24
C THR B 142 20.89 -7.87 23.51
N LEU B 143 21.03 -7.10 22.45
CA LEU B 143 21.51 -5.72 22.54
C LEU B 143 20.41 -4.82 22.01
N GLY B 144 20.60 -3.52 22.10
CA GLY B 144 19.61 -2.61 21.56
C GLY B 144 20.10 -1.22 21.28
N CYS B 145 19.22 -0.41 20.72
CA CYS B 145 19.46 1.00 20.50
C CYS B 145 18.21 1.78 20.83
N LEU B 146 18.39 2.86 21.59
CA LEU B 146 17.30 3.73 21.99
C LEU B 146 17.44 5.04 21.22
N VAL B 147 16.42 5.37 20.44
CA VAL B 147 16.44 6.53 19.56
C VAL B 147 15.46 7.55 20.14
N LYS B 148 15.98 8.48 20.93
CA LYS B 148 15.16 9.27 21.82
C LYS B 148 15.09 10.77 21.49
N GLY B 149 13.88 11.31 21.58
CA GLY B 149 13.65 12.76 21.56
C GLY B 149 13.82 13.42 20.22
N TYR B 150 13.14 12.88 19.20
CA TYR B 150 13.20 13.44 17.85
C TYR B 150 11.83 13.89 17.35
N PHE B 151 11.84 14.75 16.34
CA PHE B 151 10.61 15.21 15.68
C PHE B 151 11.01 15.81 14.34
N PRO B 152 10.21 15.57 13.28
CA PRO B 152 9.06 14.67 13.19
C PRO B 152 9.51 13.29 12.73
N GLU B 153 8.55 12.41 12.47
CA GLU B 153 8.80 11.16 11.76
C GLU B 153 9.25 11.46 10.33
N PRO B 154 9.95 10.52 9.67
CA PRO B 154 10.36 9.21 10.16
C PRO B 154 11.83 9.16 10.56
N VAL B 155 12.22 8.04 11.19
CA VAL B 155 13.62 7.64 11.25
C VAL B 155 13.77 6.29 10.56
N THR B 156 14.97 6.00 10.09
CA THR B 156 15.29 4.66 9.62
C THR B 156 16.35 4.08 10.53
N LEU B 157 16.24 2.78 10.80
CA LEU B 157 17.20 2.09 11.65
C LEU B 157 17.56 0.74 11.07
N THR B 158 18.86 0.49 10.95
CA THR B 158 19.37 -0.82 10.54
C THR B 158 20.45 -1.24 11.52
N TRP B 159 20.82 -2.52 11.46
CA TRP B 159 21.90 -3.08 12.26
C TRP B 159 22.96 -3.60 11.31
N ASN B 160 24.21 -3.22 11.58
CA ASN B 160 25.34 -3.55 10.68
C ASN B 160 25.01 -3.29 9.22
N SER B 161 24.50 -2.08 8.94
CA SER B 161 24.17 -1.62 7.59
C SER B 161 23.17 -2.54 6.86
N GLY B 162 22.33 -3.23 7.65
CA GLY B 162 21.32 -4.13 7.10
C GLY B 162 21.72 -5.60 7.03
N SER B 163 23.01 -5.89 7.28
CA SER B 163 23.52 -7.27 7.25
C SER B 163 23.04 -8.11 8.42
N LEU B 164 22.55 -7.44 9.46
CA LEU B 164 21.97 -8.11 10.61
C LEU B 164 20.49 -7.79 10.65
N SER B 165 19.66 -8.78 10.33
CA SER B 165 18.22 -8.57 10.21
C SER B 165 17.42 -9.65 10.96
N SER B 166 17.99 -10.84 11.04
CA SER B 166 17.41 -11.91 11.85
C SER B 166 17.54 -11.56 13.32
N GLY B 167 16.48 -11.82 14.07
CA GLY B 167 16.44 -11.54 15.50
C GLY B 167 16.40 -10.06 15.82
N VAL B 168 15.97 -9.24 14.86
CA VAL B 168 15.81 -7.80 15.08
C VAL B 168 14.34 -7.46 15.35
N HIS B 169 14.08 -6.63 16.34
CA HIS B 169 12.75 -6.03 16.53
C HIS B 169 12.88 -4.52 16.61
N THR B 170 12.32 -3.84 15.63
CA THR B 170 12.30 -2.38 15.62
C THR B 170 10.88 -1.91 15.94
N PHE B 171 10.75 -1.20 17.06
CA PHE B 171 9.45 -0.87 17.61
C PHE B 171 8.93 0.43 17.04
N PRO B 172 7.64 0.48 16.69
CA PRO B 172 7.06 1.70 16.14
C PRO B 172 7.29 2.88 17.09
N ALA B 173 7.61 4.04 16.52
CA ALA B 173 7.84 5.23 17.32
C ALA B 173 6.57 5.65 18.03
N VAL B 174 6.74 6.18 19.24
CA VAL B 174 5.63 6.70 20.04
C VAL B 174 5.87 8.16 20.34
N LEU B 175 4.83 8.98 20.13
CA LEU B 175 4.89 10.40 20.39
C LEU B 175 4.43 10.70 21.81
N GLN B 176 5.27 11.40 22.56
CA GLN B 176 4.89 11.94 23.86
C GLN B 176 5.19 13.44 23.86
N SER B 177 4.14 14.23 24.02
CA SER B 177 4.18 15.67 23.85
C SER B 177 4.66 16.03 22.44
N ASP B 178 5.85 16.62 22.34
CA ASP B 178 6.39 17.06 21.07
C ASP B 178 7.58 16.23 20.57
N LEU B 179 7.81 15.08 21.20
CA LEU B 179 8.99 14.27 20.89
C LEU B 179 8.71 12.77 20.80
N TYR B 180 9.31 12.15 19.79
CA TYR B 180 9.18 10.71 19.57
C TYR B 180 10.31 9.95 20.23
N THR B 181 10.01 8.73 20.64
CA THR B 181 11.03 7.76 21.02
C THR B 181 10.79 6.48 20.22
N LEU B 182 11.86 5.89 19.71
CA LEU B 182 11.82 4.58 19.07
C LEU B 182 12.91 3.73 19.70
N SER B 183 12.77 2.40 19.63
CA SER B 183 13.83 1.50 20.06
C SER B 183 13.92 0.29 19.15
N SER B 184 15.06 -0.39 19.21
CA SER B 184 15.26 -1.62 18.44
C SER B 184 16.11 -2.57 19.26
N SER B 185 15.73 -3.84 19.26
CA SER B 185 16.54 -4.90 19.87
C SER B 185 17.13 -5.80 18.79
N VAL B 186 18.30 -6.37 19.09
CA VAL B 186 18.89 -7.37 18.21
C VAL B 186 19.42 -8.52 19.06
N THR B 187 19.11 -9.76 18.65
CA THR B 187 19.49 -10.93 19.42
C THR B 187 20.41 -11.83 18.59
N VAL B 188 21.58 -12.13 19.14
CA VAL B 188 22.57 -12.96 18.45
C VAL B 188 23.11 -14.05 19.37
N THR B 189 23.78 -15.04 18.77
CA THR B 189 24.44 -16.09 19.52
C THR B 189 25.49 -15.44 20.43
N SER B 190 25.43 -15.78 21.72
CA SER B 190 26.24 -15.10 22.73
C SER B 190 27.75 -15.16 22.48
N SER B 191 28.23 -16.31 22.01
CA SER B 191 29.66 -16.48 21.72
C SER B 191 30.21 -15.51 20.68
N THR B 192 29.32 -14.96 19.85
CA THR B 192 29.74 -14.05 18.77
C THR B 192 29.93 -12.60 19.19
N TRP B 193 29.43 -12.24 20.37
CA TRP B 193 29.51 -10.86 20.84
C TRP B 193 30.24 -10.79 22.20
N PRO B 194 31.17 -9.83 22.37
CA PRO B 194 31.50 -8.73 21.47
C PRO B 194 32.62 -8.97 20.45
N SER B 195 33.03 -10.22 20.23
CA SER B 195 34.05 -10.52 19.23
C SER B 195 33.69 -9.94 17.86
N GLN B 196 32.45 -10.13 17.45
CA GLN B 196 31.95 -9.55 16.21
C GLN B 196 31.09 -8.35 16.58
N SER B 197 31.48 -7.19 16.07
CA SER B 197 30.84 -5.94 16.46
C SER B 197 29.45 -5.77 15.89
N ILE B 198 28.62 -5.04 16.64
CA ILE B 198 27.24 -4.77 16.27
C ILE B 198 27.02 -3.27 16.43
N THR B 199 26.50 -2.65 15.36
CA THR B 199 26.33 -1.20 15.28
C THR B 199 24.91 -0.92 14.78
N CYS B 200 24.21 0.00 15.45
CA CYS B 200 22.94 0.47 14.89
C CYS B 200 23.15 1.72 14.06
N ASN B 201 22.52 1.73 12.88
CA ASN B 201 22.64 2.85 11.96
C ASN B 201 21.31 3.59 11.96
N VAL B 202 21.35 4.87 12.33
CA VAL B 202 20.12 5.64 12.49
C VAL B 202 20.15 6.88 11.60
N ALA B 203 19.12 7.03 10.77
CA ALA B 203 18.97 8.22 9.96
C ALA B 203 17.69 8.97 10.31
N HIS B 204 17.81 10.29 10.40
CA HIS B 204 16.67 11.17 10.58
C HIS B 204 16.82 12.29 9.54
N PRO B 205 16.26 12.08 8.34
CA PRO B 205 16.45 13.03 7.23
C PRO B 205 16.06 14.47 7.58
N ALA B 206 15.00 14.65 8.36
CA ALA B 206 14.50 15.99 8.73
C ALA B 206 15.55 16.89 9.38
N SER B 207 16.49 16.28 10.10
CA SER B 207 17.57 17.01 10.76
C SER B 207 18.94 16.72 10.15
N SER B 208 18.95 16.09 8.97
CA SER B 208 20.18 15.66 8.30
C SER B 208 21.10 14.84 9.21
N THR B 209 20.47 14.00 10.04
CA THR B 209 21.17 13.18 11.02
C THR B 209 21.47 11.81 10.44
N LYS B 210 22.73 11.40 10.53
CA LYS B 210 23.13 10.04 10.25
C LYS B 210 24.10 9.61 11.35
N VAL B 211 23.71 8.62 12.13
CA VAL B 211 24.50 8.15 13.29
C VAL B 211 24.77 6.65 13.19
N ASP B 212 26.02 6.26 13.41
CA ASP B 212 26.38 4.86 13.55
C ASP B 212 26.90 4.63 14.96
N LYS B 213 26.05 4.04 15.79
CA LYS B 213 26.39 3.82 17.19
C LYS B 213 26.78 2.35 17.39
N LYS B 214 28.08 2.11 17.55
CA LYS B 214 28.56 0.78 17.88
C LYS B 214 28.17 0.47 19.32
N ILE B 215 27.70 -0.74 19.56
CA ILE B 215 27.39 -1.18 20.92
C ILE B 215 28.67 -1.67 21.59
N GLU B 216 29.29 -0.80 22.39
CA GLU B 216 30.56 -1.12 23.04
C GLU B 216 30.31 -1.97 24.30
N PRO B 217 31.15 -3.00 24.52
CA PRO B 217 30.98 -3.91 25.65
C PRO B 217 31.53 -3.34 26.95
N ARG B 218 30.89 -2.27 27.42
CA ARG B 218 31.31 -1.61 28.64
C ARG B 218 30.83 -2.40 29.84
N GLY B 219 31.55 -2.27 30.96
CA GLY B 219 31.26 -3.05 32.16
C GLY B 219 30.87 -2.19 33.35
N PRO B 220 30.64 -2.82 34.51
CA PRO B 220 30.21 -2.10 35.71
C PRO B 220 31.40 -1.48 36.45
N SER C 11 -15.54 -4.25 -44.42
CA SER C 11 -15.53 -5.73 -44.34
C SER C 11 -14.67 -6.27 -43.18
N CYS C 12 -14.00 -5.37 -42.47
CA CYS C 12 -13.34 -5.72 -41.21
C CYS C 12 -14.29 -5.45 -40.04
N ASN C 13 -14.80 -6.52 -39.44
CA ASN C 13 -15.67 -6.40 -38.28
C ASN C 13 -14.83 -6.25 -37.01
N GLY C 14 -14.08 -5.15 -36.95
CA GLY C 14 -13.12 -4.90 -35.87
C GLY C 14 -12.25 -3.69 -36.18
N LEU C 15 -10.98 -3.78 -35.78
CA LEU C 15 -10.04 -2.67 -35.96
C LEU C 15 -9.13 -2.93 -37.14
N TYR C 16 -8.97 -1.91 -37.99
CA TYR C 16 -8.09 -2.01 -39.15
C TYR C 16 -6.82 -1.17 -38.97
N TYR C 17 -5.66 -1.82 -39.13
CA TYR C 17 -4.39 -1.12 -39.07
C TYR C 17 -3.36 -1.80 -39.95
N GLN C 18 -2.75 -1.01 -40.84
CA GLN C 18 -1.64 -1.46 -41.70
C GLN C 18 -1.87 -2.82 -42.38
N GLY C 19 -3.03 -2.96 -43.02
CA GLY C 19 -3.34 -4.13 -43.84
C GLY C 19 -3.96 -5.31 -43.11
N SER C 20 -4.10 -5.20 -41.79
CA SER C 20 -4.64 -6.28 -40.97
C SER C 20 -5.91 -5.89 -40.25
N CYS C 21 -6.81 -6.87 -40.10
CA CYS C 21 -8.02 -6.71 -39.34
C CYS C 21 -7.88 -7.39 -37.98
N TYR C 22 -8.24 -6.66 -36.93
CA TYR C 22 -8.15 -7.15 -35.56
C TYR C 22 -9.55 -7.42 -35.03
N ILE C 23 -9.86 -8.69 -34.77
CA ILE C 23 -11.17 -9.07 -34.26
C ILE C 23 -11.10 -9.39 -32.78
N LEU C 24 -11.92 -8.70 -32.00
CA LEU C 24 -11.98 -8.86 -30.55
C LEU C 24 -12.69 -10.14 -30.14
N HIS C 25 -12.03 -10.90 -29.27
CA HIS C 25 -12.67 -11.99 -28.56
C HIS C 25 -12.75 -11.62 -27.09
N SER C 26 -13.96 -11.42 -26.60
CA SER C 26 -14.19 -10.90 -25.25
C SER C 26 -14.15 -11.97 -24.16
N ASP C 27 -14.09 -13.23 -24.55
CA ASP C 27 -13.97 -14.34 -23.60
C ASP C 27 -12.56 -14.41 -23.05
N TYR C 28 -12.43 -14.34 -21.73
CA TYR C 28 -11.14 -14.50 -21.06
C TYR C 28 -10.62 -15.92 -21.22
N GLN C 29 -9.36 -16.05 -21.64
CA GLN C 29 -8.75 -17.36 -21.86
C GLN C 29 -7.31 -17.35 -21.39
N MET C 30 -6.78 -18.53 -21.08
CA MET C 30 -5.34 -18.65 -20.92
C MET C 30 -4.66 -18.49 -22.28
N PHE C 31 -3.38 -18.12 -22.26
CA PHE C 31 -2.67 -17.81 -23.50
C PHE C 31 -2.82 -18.89 -24.58
N SER C 32 -2.57 -20.15 -24.21
CA SER C 32 -2.55 -21.19 -25.24
C SER C 32 -3.91 -21.43 -25.89
N ASP C 33 -4.98 -21.22 -25.12
CA ASP C 33 -6.35 -21.30 -25.64
C ASP C 33 -6.65 -20.14 -26.57
N ALA C 34 -6.19 -18.94 -26.21
CA ALA C 34 -6.32 -17.77 -27.09
C ALA C 34 -5.61 -18.01 -28.42
N ALA C 35 -4.38 -18.50 -28.37
CA ALA C 35 -3.62 -18.84 -29.56
C ALA C 35 -4.33 -19.90 -30.40
N ALA C 36 -4.85 -20.95 -29.76
CA ALA C 36 -5.59 -22.02 -30.45
C ALA C 36 -6.82 -21.45 -31.16
N ASN C 37 -7.53 -20.57 -30.49
CA ASN C 37 -8.75 -20.00 -31.06
C ASN C 37 -8.47 -19.10 -32.26
N CYS C 38 -7.38 -18.34 -32.22
CA CYS C 38 -6.98 -17.57 -33.39
C CYS C 38 -6.57 -18.48 -34.55
N THR C 39 -5.81 -19.53 -34.24
CA THR C 39 -5.42 -20.52 -35.25
C THR C 39 -6.64 -21.16 -35.90
N ALA C 40 -7.67 -21.45 -35.11
CA ALA C 40 -8.93 -22.00 -35.63
C ALA C 40 -9.55 -21.07 -36.70
N GLU C 41 -9.32 -19.77 -36.53
CA GLU C 41 -9.78 -18.75 -37.48
C GLU C 41 -8.71 -18.35 -38.50
N SER C 42 -7.72 -19.20 -38.71
CA SER C 42 -6.61 -18.91 -39.65
C SER C 42 -6.00 -17.53 -39.39
N SER C 43 -5.89 -17.20 -38.10
CA SER C 43 -5.42 -15.90 -37.63
C SER C 43 -4.30 -16.07 -36.62
N THR C 44 -3.69 -14.96 -36.23
CA THR C 44 -2.69 -14.96 -35.16
C THR C 44 -3.07 -13.94 -34.08
N LEU C 45 -2.41 -14.02 -32.93
CA LEU C 45 -2.51 -12.97 -31.92
C LEU C 45 -1.66 -11.77 -32.35
N PRO C 46 -1.95 -10.57 -31.82
CA PRO C 46 -1.18 -9.38 -32.21
C PRO C 46 0.31 -9.50 -31.89
N ASN C 47 1.13 -9.03 -32.81
CA ASN C 47 2.57 -8.89 -32.62
C ASN C 47 2.82 -7.53 -32.00
N LYS C 48 3.55 -7.50 -30.89
CA LYS C 48 3.78 -6.25 -30.15
C LYS C 48 4.49 -5.16 -30.94
N SER C 49 5.32 -5.56 -31.90
CA SER C 49 6.03 -4.60 -32.75
C SER C 49 5.15 -4.03 -33.87
N ASP C 50 4.00 -4.66 -34.10
CA ASP C 50 3.06 -4.25 -35.16
C ASP C 50 1.94 -3.36 -34.65
N VAL C 51 1.80 -3.24 -33.33
CA VAL C 51 0.66 -2.51 -32.74
C VAL C 51 1.07 -1.23 -32.02
N MET C 52 2.25 -0.72 -32.34
CA MET C 52 2.84 0.42 -31.63
C MET C 52 2.25 1.78 -32.01
N ILE C 53 0.92 1.88 -31.95
CA ILE C 53 0.23 3.15 -32.18
C ILE C 53 -0.82 3.34 -31.08
N THR C 54 -0.86 4.53 -30.50
CA THR C 54 -1.68 4.81 -29.33
C THR C 54 -3.13 4.37 -29.47
N TRP C 55 -3.81 4.79 -30.54
CA TRP C 55 -5.23 4.51 -30.70
C TRP C 55 -5.54 3.01 -30.68
N LEU C 56 -4.64 2.22 -31.26
CA LEU C 56 -4.83 0.77 -31.32
C LEU C 56 -4.52 0.10 -29.97
N ILE C 57 -3.42 0.50 -29.33
CA ILE C 57 -3.09 -0.04 -28.02
C ILE C 57 -4.16 0.29 -26.97
N ASP C 58 -4.88 1.40 -27.17
CA ASP C 58 -6.02 1.72 -26.30
C ASP C 58 -7.04 0.59 -26.22
N TYR C 59 -7.15 -0.18 -27.31
CA TYR C 59 -8.01 -1.36 -27.37
C TYR C 59 -7.29 -2.64 -26.96
N VAL C 60 -6.07 -2.81 -27.46
CA VAL C 60 -5.35 -4.09 -27.36
C VAL C 60 -4.57 -4.25 -26.04
N GLU C 61 -4.39 -3.15 -25.31
CA GLU C 61 -3.69 -3.21 -24.01
C GLU C 61 -4.31 -4.27 -23.10
N ASP C 62 -3.44 -5.06 -22.47
CA ASP C 62 -3.80 -6.09 -21.51
C ASP C 62 -4.43 -7.34 -22.13
N THR C 63 -4.48 -7.38 -23.46
CA THR C 63 -4.86 -8.61 -24.15
C THR C 63 -3.61 -9.35 -24.58
N TRP C 64 -3.76 -10.61 -25.00
CA TRP C 64 -2.60 -11.47 -25.28
C TRP C 64 -1.81 -11.04 -26.50
N GLY C 65 -0.51 -10.87 -26.33
CA GLY C 65 0.41 -10.75 -27.46
C GLY C 65 0.88 -12.12 -27.93
N SER C 66 1.45 -12.16 -29.12
CA SER C 66 1.84 -13.43 -29.76
C SER C 66 3.00 -14.16 -29.06
N ASP C 67 3.71 -13.45 -28.19
CA ASP C 67 4.84 -14.03 -27.47
C ASP C 67 4.47 -14.60 -26.10
N GLY C 68 3.18 -14.59 -25.77
CA GLY C 68 2.72 -15.07 -24.47
C GLY C 68 2.67 -14.03 -23.36
N ASN C 69 3.01 -12.78 -23.70
CA ASN C 69 2.93 -11.67 -22.77
C ASN C 69 1.79 -10.73 -23.15
N PRO C 70 1.24 -9.98 -22.17
CA PRO C 70 0.22 -9.00 -22.56
C PRO C 70 0.82 -7.85 -23.34
N ILE C 71 0.02 -7.27 -24.23
CA ILE C 71 0.35 -6.02 -24.90
C ILE C 71 0.20 -4.88 -23.88
N THR C 72 1.21 -4.01 -23.82
CA THR C 72 1.21 -2.93 -22.83
C THR C 72 1.81 -1.63 -23.37
N LYS C 73 1.42 -0.51 -22.76
CA LYS C 73 2.01 0.81 -23.05
C LYS C 73 3.27 1.11 -22.24
N THR C 74 3.77 0.09 -21.53
CA THR C 74 5.06 0.19 -20.83
C THR C 74 6.05 -0.81 -21.44
N THR C 75 7.23 -0.95 -20.83
CA THR C 75 8.26 -1.90 -21.31
C THR C 75 9.01 -2.60 -20.18
N GLN C 79 6.20 -5.80 -15.91
CA GLN C 79 6.30 -7.26 -15.76
C GLN C 79 6.78 -7.62 -14.35
N ASP C 80 5.96 -8.27 -13.52
CA ASP C 80 4.55 -8.64 -13.79
C ASP C 80 4.37 -9.97 -14.54
N SER C 81 5.41 -10.80 -14.55
CA SER C 81 5.41 -12.01 -15.37
C SER C 81 5.14 -13.31 -14.62
N ASP C 82 4.79 -13.21 -13.34
CA ASP C 82 4.57 -14.38 -12.49
C ASP C 82 3.12 -14.40 -12.01
N VAL C 83 2.19 -14.48 -12.95
CA VAL C 83 0.76 -14.42 -12.63
C VAL C 83 0.17 -15.82 -12.64
N SER C 84 -0.43 -16.21 -11.51
CA SER C 84 -1.10 -17.50 -11.39
C SER C 84 -2.41 -17.47 -12.14
N GLN C 85 -2.66 -18.53 -12.93
CA GLN C 85 -3.92 -18.69 -13.68
C GLN C 85 -4.30 -17.45 -14.49
N GLU C 86 -3.32 -16.93 -15.21
CA GLU C 86 -3.48 -15.70 -15.98
C GLU C 86 -4.44 -15.91 -17.15
N VAL C 87 -5.54 -15.15 -17.15
CA VAL C 87 -6.48 -15.17 -18.26
C VAL C 87 -6.67 -13.75 -18.80
N ARG C 88 -6.76 -13.65 -20.13
CA ARG C 88 -6.92 -12.35 -20.79
C ARG C 88 -7.87 -12.47 -21.98
N LYS C 89 -8.44 -11.34 -22.39
CA LYS C 89 -9.13 -11.25 -23.66
C LYS C 89 -8.06 -11.26 -24.77
N TYR C 90 -8.49 -11.32 -26.01
CA TYR C 90 -7.54 -11.43 -27.12
C TYR C 90 -8.13 -10.96 -28.42
N PHE C 91 -7.26 -10.47 -29.29
CA PHE C 91 -7.63 -10.12 -30.66
C PHE C 91 -7.03 -11.14 -31.60
N CYS C 92 -7.78 -11.51 -32.63
CA CYS C 92 -7.24 -12.37 -33.68
C CYS C 92 -7.02 -11.52 -34.94
N VAL C 93 -5.85 -11.69 -35.53
CA VAL C 93 -5.34 -10.79 -36.56
C VAL C 93 -5.19 -11.54 -37.88
N LYS C 94 -5.73 -10.95 -38.94
CA LYS C 94 -5.66 -11.54 -40.27
C LYS C 94 -5.47 -10.43 -41.29
N THR C 95 -4.59 -10.68 -42.26
CA THR C 95 -4.34 -9.74 -43.35
C THR C 95 -5.60 -9.60 -44.23
N MET C 96 -5.94 -8.35 -44.54
CA MET C 96 -7.13 -8.02 -45.31
C MET C 96 -7.08 -8.61 -46.72
N SER D 11 -9.64 5.63 -42.68
CA SER D 11 -9.43 6.94 -42.00
C SER D 11 -10.22 7.04 -40.69
N CYS D 12 -10.76 5.93 -40.22
CA CYS D 12 -11.37 5.89 -38.90
C CYS D 12 -10.44 5.14 -37.95
N ASN D 13 -9.79 5.89 -37.08
CA ASN D 13 -8.88 5.30 -36.08
C ASN D 13 -9.66 4.82 -34.87
N GLY D 14 -10.46 3.78 -35.11
CA GLY D 14 -11.38 3.22 -34.14
C GLY D 14 -12.29 2.27 -34.89
N LEU D 15 -13.57 2.24 -34.50
CA LEU D 15 -14.50 1.29 -35.07
C LEU D 15 -15.33 1.97 -36.16
N TYR D 16 -15.34 1.37 -37.36
CA TYR D 16 -16.19 1.86 -38.43
C TYR D 16 -17.34 0.88 -38.64
N TYR D 17 -18.56 1.40 -38.53
CA TYR D 17 -19.76 0.59 -38.68
C TYR D 17 -20.85 1.38 -39.39
N GLN D 18 -21.21 0.90 -40.58
CA GLN D 18 -22.34 1.44 -41.35
C GLN D 18 -22.37 2.97 -41.37
N GLY D 19 -21.26 3.55 -41.84
CA GLY D 19 -21.18 4.99 -42.06
C GLY D 19 -20.77 5.83 -40.87
N SER D 20 -20.61 5.20 -39.71
CA SER D 20 -20.24 5.92 -38.49
C SER D 20 -18.88 5.49 -37.99
N CYS D 21 -18.10 6.46 -37.53
CA CYS D 21 -16.81 6.20 -36.91
C CYS D 21 -16.92 6.36 -35.38
N TYR D 22 -16.50 5.32 -34.66
CA TYR D 22 -16.54 5.30 -33.20
C TYR D 22 -15.13 5.49 -32.67
N ILE D 23 -14.91 6.61 -31.98
CA ILE D 23 -13.58 6.93 -31.43
C ILE D 23 -13.56 6.77 -29.92
N LEU D 24 -12.66 5.90 -29.45
CA LEU D 24 -12.53 5.62 -28.03
C LEU D 24 -11.80 6.73 -27.28
N HIS D 25 -12.43 7.19 -26.19
CA HIS D 25 -11.81 8.11 -25.25
C HIS D 25 -11.59 7.40 -23.93
N SER D 26 -10.34 7.38 -23.50
CA SER D 26 -9.90 6.48 -22.43
C SER D 26 -9.82 7.06 -21.02
N ASP D 27 -9.94 8.38 -20.87
CA ASP D 27 -10.09 8.99 -19.55
C ASP D 27 -11.41 8.51 -18.98
N TYR D 28 -11.40 8.04 -17.74
CA TYR D 28 -12.66 7.76 -17.04
C TYR D 28 -13.32 9.10 -16.73
N GLN D 29 -14.54 9.29 -17.24
CA GLN D 29 -15.28 10.52 -17.01
C GLN D 29 -16.67 10.22 -16.48
N MET D 30 -17.22 11.16 -15.71
CA MET D 30 -18.64 11.11 -15.38
C MET D 30 -19.44 11.32 -16.66
N PHE D 31 -20.70 10.86 -16.66
CA PHE D 31 -21.52 10.92 -17.87
C PHE D 31 -21.61 12.32 -18.49
N SER D 32 -21.93 13.32 -17.67
CA SER D 32 -22.12 14.67 -18.19
C SER D 32 -20.84 15.22 -18.85
N ASP D 33 -19.68 14.87 -18.28
CA ASP D 33 -18.41 15.28 -18.87
C ASP D 33 -18.18 14.58 -20.21
N ALA D 34 -18.47 13.28 -20.26
CA ALA D 34 -18.30 12.50 -21.48
C ALA D 34 -19.18 13.06 -22.59
N ALA D 35 -20.45 13.31 -22.26
CA ALA D 35 -21.41 13.86 -23.22
C ALA D 35 -20.95 15.24 -23.73
N ALA D 36 -20.43 16.06 -22.82
CA ALA D 36 -19.92 17.37 -23.19
C ALA D 36 -18.72 17.27 -24.14
N ASN D 37 -17.87 16.27 -23.93
CA ASN D 37 -16.73 16.04 -24.82
C ASN D 37 -17.18 15.66 -26.23
N CYS D 38 -18.11 14.71 -26.33
CA CYS D 38 -18.59 14.31 -27.66
C CYS D 38 -19.25 15.50 -28.38
N THR D 39 -20.05 16.28 -27.66
CA THR D 39 -20.67 17.49 -28.22
C THR D 39 -19.62 18.47 -28.78
N ALA D 40 -18.57 18.70 -28.01
CA ALA D 40 -17.47 19.57 -28.45
C ALA D 40 -16.80 19.02 -29.72
N GLU D 41 -16.84 17.69 -29.87
CA GLU D 41 -16.28 17.01 -31.04
C GLU D 41 -17.30 16.80 -32.16
N SER D 42 -18.42 17.52 -32.07
CA SER D 42 -19.54 17.43 -33.03
C SER D 42 -19.96 15.97 -33.24
N SER D 43 -20.02 15.23 -32.13
CA SER D 43 -20.28 13.81 -32.13
C SER D 43 -21.32 13.48 -31.08
N THR D 44 -21.72 12.21 -31.03
CA THR D 44 -22.68 11.75 -30.03
C THR D 44 -22.13 10.53 -29.31
N LEU D 45 -22.67 10.22 -28.14
CA LEU D 45 -22.39 8.93 -27.52
C LEU D 45 -23.17 7.84 -28.25
N PRO D 46 -22.71 6.57 -28.16
CA PRO D 46 -23.43 5.49 -28.84
C PRO D 46 -24.85 5.31 -28.33
N ASN D 47 -25.76 4.98 -29.24
CA ASN D 47 -27.14 4.65 -28.90
C ASN D 47 -27.21 3.16 -28.60
N LYS D 48 -27.66 2.81 -27.39
CA LYS D 48 -27.66 1.41 -26.94
C LYS D 48 -28.41 0.46 -27.89
N SER D 49 -29.47 0.95 -28.52
CA SER D 49 -30.23 0.16 -29.50
C SER D 49 -29.48 -0.07 -30.81
N ASP D 50 -28.67 0.92 -31.22
CA ASP D 50 -27.89 0.83 -32.46
C ASP D 50 -26.74 -0.18 -32.37
N VAL D 51 -26.28 -0.49 -31.16
CA VAL D 51 -25.05 -1.25 -30.96
C VAL D 51 -25.24 -2.66 -30.41
N MET D 52 -26.35 -2.90 -29.72
CA MET D 52 -26.56 -4.14 -28.97
C MET D 52 -26.57 -5.43 -29.79
N ILE D 53 -27.08 -5.37 -31.01
CA ILE D 53 -27.19 -6.57 -31.85
C ILE D 53 -26.03 -6.72 -32.83
N THR D 54 -24.97 -5.95 -32.61
CA THR D 54 -23.88 -5.82 -33.57
C THR D 54 -22.55 -6.26 -32.95
N TRP D 55 -21.53 -6.40 -33.80
CA TRP D 55 -20.19 -6.74 -33.32
C TRP D 55 -19.55 -5.62 -32.49
N LEU D 56 -20.19 -4.45 -32.47
CA LEU D 56 -19.71 -3.34 -31.65
C LEU D 56 -19.92 -3.59 -30.16
N ILE D 57 -20.88 -4.44 -29.80
CA ILE D 57 -21.30 -4.60 -28.40
C ILE D 57 -20.17 -4.95 -27.43
N ASP D 58 -19.27 -5.85 -27.83
CA ASP D 58 -18.16 -6.23 -26.96
C ASP D 58 -17.19 -5.07 -26.72
N TYR D 59 -17.11 -4.14 -27.68
CA TYR D 59 -16.28 -2.93 -27.54
C TYR D 59 -16.94 -1.87 -26.66
N VAL D 60 -18.24 -1.64 -26.88
CA VAL D 60 -18.92 -0.52 -26.23
C VAL D 60 -19.59 -0.87 -24.91
N GLU D 61 -19.67 -2.17 -24.61
CA GLU D 61 -20.17 -2.61 -23.32
C GLU D 61 -19.43 -1.90 -22.19
N ASP D 62 -20.19 -1.43 -21.20
CA ASP D 62 -19.65 -0.78 -20.00
C ASP D 62 -18.93 0.53 -20.31
N THR D 63 -19.28 1.15 -21.43
CA THR D 63 -18.91 2.55 -21.72
C THR D 63 -20.20 3.36 -21.80
N TRP D 64 -20.11 4.69 -21.74
CA TRP D 64 -21.33 5.52 -21.67
C TRP D 64 -22.22 5.43 -22.91
N GLY D 65 -23.48 5.10 -22.69
CA GLY D 65 -24.50 5.21 -23.74
C GLY D 65 -25.11 6.60 -23.71
N SER D 66 -25.75 6.98 -24.81
CA SER D 66 -26.34 8.31 -24.93
C SER D 66 -27.51 8.52 -23.97
N ASP D 67 -28.02 7.43 -23.40
CA ASP D 67 -29.13 7.49 -22.44
C ASP D 67 -28.70 7.79 -21.00
N GLY D 68 -27.40 7.97 -20.77
CA GLY D 68 -26.89 8.29 -19.44
C GLY D 68 -26.45 7.10 -18.60
N ASN D 69 -26.49 5.91 -19.19
CA ASN D 69 -26.12 4.68 -18.49
C ASN D 69 -24.98 3.94 -19.20
N PRO D 70 -24.16 3.21 -18.43
CA PRO D 70 -23.17 2.35 -19.08
C PRO D 70 -23.89 1.29 -19.92
N ILE D 71 -23.42 1.07 -21.15
CA ILE D 71 -24.07 0.16 -22.08
C ILE D 71 -23.97 -1.28 -21.60
N THR D 72 -25.11 -1.97 -21.54
CA THR D 72 -25.15 -3.36 -21.07
C THR D 72 -25.65 -4.32 -22.15
N LYS D 73 -26.11 -5.49 -21.73
CA LYS D 73 -26.61 -6.53 -22.63
C LYS D 73 -27.94 -7.10 -22.14
N SER D 81 -30.68 2.72 -11.46
CA SER D 81 -29.86 3.10 -10.31
C SER D 81 -29.25 4.49 -10.48
N ASP D 82 -28.80 5.07 -9.37
CA ASP D 82 -28.16 6.38 -9.38
C ASP D 82 -26.71 6.26 -9.88
N VAL D 83 -26.48 6.67 -11.11
CA VAL D 83 -25.18 6.51 -11.77
C VAL D 83 -24.43 7.83 -11.98
N SER D 84 -24.88 8.89 -11.30
CA SER D 84 -24.35 10.24 -11.50
C SER D 84 -22.91 10.42 -11.01
N GLN D 85 -22.45 9.49 -10.18
CA GLN D 85 -21.07 9.52 -9.66
C GLN D 85 -20.18 8.49 -10.33
N GLU D 86 -20.78 7.61 -11.13
CA GLU D 86 -20.03 6.57 -11.85
C GLU D 86 -19.12 7.20 -12.90
N VAL D 87 -17.96 6.60 -13.12
CA VAL D 87 -17.04 7.02 -14.17
C VAL D 87 -16.78 5.85 -15.13
N ARG D 88 -16.77 6.15 -16.42
CA ARG D 88 -16.55 5.15 -17.46
C ARG D 88 -15.79 5.76 -18.63
N LYS D 89 -15.17 4.91 -19.45
CA LYS D 89 -14.67 5.33 -20.74
C LYS D 89 -15.85 5.50 -21.69
N TYR D 90 -15.61 6.03 -22.89
CA TYR D 90 -16.72 6.32 -23.80
C TYR D 90 -16.24 6.45 -25.23
N PHE D 91 -17.17 6.23 -26.16
CA PHE D 91 -16.91 6.43 -27.57
C PHE D 91 -17.68 7.66 -28.03
N CYS D 92 -17.02 8.48 -28.85
CA CYS D 92 -17.72 9.54 -29.58
C CYS D 92 -17.93 9.11 -31.02
N VAL D 93 -19.17 9.24 -31.47
CA VAL D 93 -19.64 8.68 -32.74
C VAL D 93 -19.97 9.81 -33.71
N LYS D 94 -19.44 9.72 -34.92
CA LYS D 94 -19.64 10.74 -35.93
C LYS D 94 -19.84 10.07 -37.28
N THR D 95 -20.81 10.54 -38.06
CA THR D 95 -21.04 9.98 -39.40
C THR D 95 -19.95 10.40 -40.38
N MET D 96 -19.51 9.44 -41.18
CA MET D 96 -18.53 9.68 -42.24
C MET D 96 -19.25 9.72 -43.58
N ASN D 97 -18.95 10.74 -44.38
CA ASN D 97 -19.62 10.97 -45.65
C ASN D 97 -18.71 10.81 -46.86
#